data_4B3C
#
_entry.id   4B3C
#
_cell.length_a   70.560
_cell.length_b   74.540
_cell.length_c   41.170
_cell.angle_alpha   90.00
_cell.angle_beta   90.00
_cell.angle_gamma   90.00
#
_symmetry.space_group_name_H-M   'P 21 21 2'
#
loop_
_entity.id
_entity.type
_entity.pdbx_description
1 polymer 'DNA REPAIR AND RECOMBINATION PROTEIN RADA'
2 non-polymer 'PHOSPHATE ION'
3 non-polymer 1H-indol-5-ol
4 water water
#
_entity_poly.entity_id   1
_entity_poly.type   'polypeptide(L)'
_entity_poly.pdbx_seq_one_letter_code
;MATIGRISTGSKSLDKLLGGGIETQAITEVFGEFGSGKTQLAHTLAVMVQLPPEEGGLNGSVMWIDTENTFRPERIREIA
QNRGLDPDEVLKHIAYARAFNSNHQMLLVQQAEDMIKELLNTDRPVKLLIVDSLTSHFRSEYIGRGALAERQQKLAKHLA
DLHRLANLYDIAVFVTNQVQANGGHILAHSATLRVYLRKGKGGKRIARLIDAPHLPEGEAVFSITEKGIED
;
_entity_poly.pdbx_strand_id   A
#
# COMPACT_ATOMS: atom_id res chain seq x y z
N ALA A 2 -19.10 8.48 6.57
CA ALA A 2 -18.78 7.18 7.16
C ALA A 2 -17.84 7.32 8.35
N THR A 3 -17.93 6.41 9.32
CA THR A 3 -16.93 6.32 10.37
C THR A 3 -15.59 5.86 9.76
N ILE A 4 -14.48 6.07 10.47
CA ILE A 4 -13.16 5.62 10.02
C ILE A 4 -12.95 4.12 10.31
N GLY A 5 -12.66 3.33 9.28
CA GLY A 5 -12.39 1.90 9.44
C GLY A 5 -10.90 1.63 9.63
N ARG A 6 -10.53 0.50 10.25
CA ARG A 6 -9.12 0.12 10.45
C ARG A 6 -8.85 -1.33 10.03
N ILE A 7 -7.74 -1.52 9.32
CA ILE A 7 -7.33 -2.85 8.84
C ILE A 7 -6.08 -3.28 9.61
N SER A 8 -6.17 -4.41 10.32
CA SER A 8 -5.02 -4.95 11.04
C SER A 8 -3.90 -5.35 10.05
N THR A 9 -2.65 -5.14 10.43
CA THR A 9 -1.50 -5.48 9.58
C THR A 9 -1.02 -6.92 9.76
N GLY A 10 -1.55 -7.62 10.75
CA GLY A 10 -1.09 -8.97 11.07
C GLY A 10 -0.17 -9.03 12.29
N SER A 11 0.38 -7.88 12.64
CA SER A 11 1.31 -7.73 13.75
C SER A 11 0.72 -6.85 14.84
N LYS A 12 0.57 -7.38 16.05
CA LYS A 12 0.05 -6.58 17.18
C LYS A 12 0.96 -5.39 17.49
N SER A 13 2.27 -5.58 17.35
CA SER A 13 3.25 -4.51 17.58
C SER A 13 3.04 -3.33 16.62
N LEU A 14 2.96 -3.62 15.32
CA LEU A 14 2.71 -2.57 14.32
C LEU A 14 1.31 -1.97 14.45
N ASP A 15 0.30 -2.80 14.75
CA ASP A 15 -1.05 -2.27 14.99
C ASP A 15 -1.05 -1.23 16.12
N LYS A 16 -0.40 -1.52 17.24
CA LYS A 16 -0.33 -0.54 18.35
C LYS A 16 0.26 0.81 17.92
N LEU A 17 1.35 0.76 17.16
CA LEU A 17 2.02 1.97 16.64
C LEU A 17 1.06 2.81 15.81
N LEU A 18 0.23 2.13 15.01
CA LEU A 18 -0.73 2.75 14.09
C LEU A 18 -2.06 3.19 14.72
N GLY A 19 -2.27 2.86 15.98
CA GLY A 19 -3.53 3.15 16.65
C GLY A 19 -4.64 2.16 16.36
N GLY A 20 -4.28 0.96 15.88
CA GLY A 20 -5.26 -0.06 15.54
C GLY A 20 -5.05 -0.75 14.19
N GLY A 21 -4.40 -0.06 13.27
CA GLY A 21 -4.20 -0.57 11.92
C GLY A 21 -4.20 0.56 10.90
N ILE A 22 -4.15 0.24 9.60
CA ILE A 22 -4.25 1.30 8.62
C ILE A 22 -5.71 1.80 8.49
N GLU A 23 -5.88 3.11 8.29
CA GLU A 23 -7.20 3.75 8.27
C GLU A 23 -7.81 3.88 6.86
N THR A 24 -9.13 3.72 6.77
CA THR A 24 -9.86 4.14 5.57
C THR A 24 -9.93 5.67 5.57
N GLN A 25 -10.28 6.25 4.41
CA GLN A 25 -10.30 7.72 4.27
C GLN A 25 -8.90 8.31 4.52
N ALA A 26 -7.88 7.53 4.17
CA ALA A 26 -6.48 7.97 4.28
C ALA A 26 -5.55 7.32 3.23
N ILE A 27 -4.42 7.99 2.94
CA ILE A 27 -3.30 7.38 2.23
C ILE A 27 -2.17 7.04 3.21
N THR A 28 -1.79 5.77 3.28
CA THR A 28 -0.63 5.34 4.09
C THR A 28 0.56 5.06 3.17
N GLU A 29 1.68 5.76 3.41
CA GLU A 29 2.91 5.61 2.63
C GLU A 29 4.02 4.90 3.42
N VAL A 30 4.46 3.75 2.92
N VAL A 30 4.45 3.75 2.94
CA VAL A 30 5.61 3.07 3.51
CA VAL A 30 5.61 3.06 3.52
C VAL A 30 6.84 3.20 2.61
C VAL A 30 6.84 3.19 2.62
N PHE A 31 7.96 3.63 3.20
CA PHE A 31 9.20 3.82 2.43
C PHE A 31 10.45 3.19 3.09
N GLY A 32 11.46 2.86 2.28
CA GLY A 32 12.67 2.22 2.78
C GLY A 32 13.51 1.58 1.67
N GLU A 33 14.67 1.02 2.03
CA GLU A 33 15.58 0.40 1.04
C GLU A 33 14.98 -0.81 0.31
N PHE A 34 15.56 -1.15 -0.85
CA PHE A 34 15.27 -2.41 -1.53
C PHE A 34 15.49 -3.56 -0.53
N GLY A 35 14.51 -4.46 -0.41
CA GLY A 35 14.65 -5.61 0.48
C GLY A 35 14.10 -5.44 1.90
N SER A 36 13.56 -4.27 2.22
CA SER A 36 13.12 -4.00 3.60
C SER A 36 11.79 -4.67 3.99
N GLY A 37 11.00 -5.10 3.00
CA GLY A 37 9.76 -5.82 3.26
C GLY A 37 8.46 -5.07 2.97
N LYS A 38 8.53 -3.95 2.23
CA LYS A 38 7.31 -3.19 1.88
C LYS A 38 6.25 -4.05 1.12
N THR A 39 6.72 -4.87 0.17
CA THR A 39 5.83 -5.70 -0.66
C THR A 39 5.23 -6.88 0.15
N GLN A 40 5.97 -7.38 1.15
CA GLN A 40 5.41 -8.39 2.07
C GLN A 40 4.28 -7.80 2.94
N LEU A 41 4.45 -6.57 3.40
CA LEU A 41 3.33 -5.89 4.08
C LEU A 41 2.10 -5.68 3.16
N ALA A 42 2.32 -5.34 1.90
CA ALA A 42 1.21 -5.21 0.95
C ALA A 42 0.45 -6.52 0.73
N HIS A 43 1.18 -7.63 0.52
CA HIS A 43 0.52 -8.95 0.37
C HIS A 43 -0.31 -9.34 1.61
N THR A 44 0.20 -9.03 2.82
CA THR A 44 -0.48 -9.37 4.08
C THR A 44 -1.80 -8.59 4.24
N LEU A 45 -1.78 -7.29 3.93
CA LEU A 45 -3.00 -6.48 3.99
C LEU A 45 -4.13 -6.92 3.03
N ALA A 46 -3.76 -7.38 1.83
CA ALA A 46 -4.73 -7.85 0.84
C ALA A 46 -5.52 -9.07 1.31
N VAL A 47 -4.95 -9.81 2.26
CA VAL A 47 -5.63 -10.93 2.91
C VAL A 47 -6.36 -10.47 4.18
N MET A 48 -5.67 -9.71 5.04
CA MET A 48 -6.29 -9.24 6.31
C MET A 48 -7.61 -8.48 6.12
N VAL A 49 -7.72 -7.68 5.06
CA VAL A 49 -8.91 -6.86 4.87
C VAL A 49 -10.17 -7.71 4.63
N GLN A 50 -10.00 -8.96 4.22
CA GLN A 50 -11.13 -9.85 3.91
C GLN A 50 -11.72 -10.59 5.14
N LEU A 51 -11.08 -10.47 6.30
CA LEU A 51 -11.62 -11.04 7.53
C LEU A 51 -12.76 -10.18 8.08
N PRO A 52 -13.60 -10.74 8.96
CA PRO A 52 -14.62 -9.93 9.64
C PRO A 52 -14.02 -8.97 10.68
N PRO A 53 -14.78 -7.95 11.11
CA PRO A 53 -14.21 -6.96 12.04
C PRO A 53 -13.74 -7.55 13.38
N GLU A 54 -14.38 -8.61 13.85
CA GLU A 54 -13.96 -9.30 15.08
C GLU A 54 -12.53 -9.79 14.95
N GLU A 55 -12.07 -10.02 13.71
CA GLU A 55 -10.70 -10.49 13.48
C GLU A 55 -9.78 -9.45 12.86
N GLY A 56 -10.20 -8.19 12.83
CA GLY A 56 -9.36 -7.12 12.32
C GLY A 56 -9.49 -6.75 10.84
N GLY A 57 -10.50 -7.30 10.14
CA GLY A 57 -10.72 -6.99 8.74
C GLY A 57 -11.97 -6.16 8.55
N LEU A 58 -12.41 -5.99 7.31
CA LEU A 58 -13.60 -5.20 7.02
C LEU A 58 -14.51 -5.87 5.99
N ASN A 59 -14.43 -7.20 5.88
CA ASN A 59 -15.14 -7.94 4.82
C ASN A 59 -15.01 -7.27 3.43
N GLY A 60 -13.80 -6.78 3.11
CA GLY A 60 -13.62 -5.99 1.89
C GLY A 60 -13.03 -6.67 0.66
N SER A 61 -13.27 -6.06 -0.50
CA SER A 61 -12.62 -6.44 -1.77
C SER A 61 -11.36 -5.59 -1.95
N VAL A 62 -10.42 -6.06 -2.80
CA VAL A 62 -9.13 -5.39 -3.02
C VAL A 62 -8.92 -4.99 -4.50
N MET A 63 -8.26 -3.85 -4.73
CA MET A 63 -7.78 -3.48 -6.07
C MET A 63 -6.26 -3.22 -5.99
N TRP A 64 -5.48 -3.83 -6.90
CA TRP A 64 -3.99 -3.79 -6.84
C TRP A 64 -3.34 -3.29 -8.15
N ILE A 65 -2.60 -2.19 -8.08
CA ILE A 65 -1.81 -1.71 -9.22
C ILE A 65 -0.31 -2.03 -9.06
N ASP A 66 0.22 -2.88 -9.94
CA ASP A 66 1.62 -3.38 -9.91
C ASP A 66 2.49 -2.65 -10.94
N THR A 67 3.62 -2.06 -10.51
CA THR A 67 4.50 -1.39 -11.48
C THR A 67 5.81 -2.12 -11.80
N GLU A 68 6.11 -3.19 -11.04
CA GLU A 68 7.39 -3.91 -11.15
C GLU A 68 7.27 -5.45 -11.31
N ASN A 69 6.07 -5.96 -11.52
CA ASN A 69 5.92 -7.42 -11.64
C ASN A 69 6.20 -8.21 -10.34
N THR A 70 5.84 -7.62 -9.20
CA THR A 70 6.16 -8.19 -7.89
C THR A 70 5.00 -8.87 -7.13
N PHE A 71 3.79 -8.81 -7.69
CA PHE A 71 2.62 -9.54 -7.11
C PHE A 71 2.78 -11.05 -7.31
N ARG A 72 2.53 -11.85 -6.26
CA ARG A 72 2.70 -13.31 -6.33
C ARG A 72 1.47 -14.05 -5.76
N PRO A 73 0.61 -14.58 -6.63
CA PRO A 73 -0.60 -15.30 -6.19
C PRO A 73 -0.30 -16.50 -5.28
N GLU A 74 0.84 -17.16 -5.48
CA GLU A 74 1.24 -18.26 -4.61
C GLU A 74 1.49 -17.78 -3.18
N ARG A 75 2.03 -16.57 -3.04
CA ARG A 75 2.26 -15.97 -1.73
C ARG A 75 0.91 -15.60 -1.06
N ILE A 76 -0.01 -15.06 -1.86
CA ILE A 76 -1.38 -14.81 -1.38
C ILE A 76 -2.03 -16.11 -0.87
N ARG A 77 -1.90 -17.20 -1.62
CA ARG A 77 -2.48 -18.49 -1.18
C ARG A 77 -1.90 -18.97 0.16
N GLU A 78 -0.58 -18.83 0.33
CA GLU A 78 0.09 -19.21 1.57
C GLU A 78 -0.39 -18.44 2.79
N ILE A 79 -0.45 -17.11 2.68
CA ILE A 79 -0.94 -16.29 3.78
C ILE A 79 -2.39 -16.61 4.15
N ALA A 80 -3.26 -16.71 3.14
CA ALA A 80 -4.67 -17.03 3.38
C ALA A 80 -4.84 -18.38 4.12
N GLN A 81 -4.19 -19.42 3.60
CA GLN A 81 -4.31 -20.76 4.16
C GLN A 81 -3.92 -20.74 5.66
N ASN A 82 -2.85 -20.02 5.99
CA ASN A 82 -2.40 -19.86 7.37
C ASN A 82 -3.10 -18.77 8.21
N ARG A 83 -4.13 -18.14 7.66
CA ARG A 83 -4.97 -17.21 8.44
C ARG A 83 -6.39 -17.75 8.53
N GLY A 84 -6.55 -19.04 8.20
CA GLY A 84 -7.85 -19.70 8.27
C GLY A 84 -8.90 -19.37 7.20
N LEU A 85 -8.48 -18.77 6.09
CA LEU A 85 -9.42 -18.47 5.00
C LEU A 85 -9.27 -19.46 3.83
N ASP A 86 -10.22 -19.44 2.90
CA ASP A 86 -10.10 -20.26 1.68
CA ASP A 86 -10.10 -20.26 1.68
C ASP A 86 -9.30 -19.48 0.64
N PRO A 87 -8.16 -20.04 0.19
CA PRO A 87 -7.31 -19.35 -0.78
C PRO A 87 -7.99 -18.96 -2.11
N ASP A 88 -8.79 -19.85 -2.70
CA ASP A 88 -9.50 -19.52 -3.95
C ASP A 88 -10.46 -18.32 -3.79
N GLU A 89 -11.19 -18.28 -2.68
CA GLU A 89 -12.09 -17.14 -2.41
C GLU A 89 -11.33 -15.83 -2.21
N VAL A 90 -10.18 -15.91 -1.54
CA VAL A 90 -9.36 -14.71 -1.31
C VAL A 90 -8.84 -14.11 -2.63
N LEU A 91 -8.29 -14.94 -3.52
CA LEU A 91 -7.80 -14.47 -4.84
C LEU A 91 -8.93 -13.91 -5.73
N LYS A 92 -10.11 -14.51 -5.65
CA LYS A 92 -11.29 -14.03 -6.38
C LYS A 92 -11.72 -12.60 -6.02
N HIS A 93 -11.37 -12.12 -4.83
CA HIS A 93 -11.76 -10.75 -4.42
C HIS A 93 -10.62 -9.72 -4.49
N ILE A 94 -9.56 -10.08 -5.22
CA ILE A 94 -8.47 -9.15 -5.57
C ILE A 94 -8.51 -8.87 -7.09
N ALA A 95 -8.66 -7.60 -7.47
CA ALA A 95 -8.61 -7.20 -8.89
C ALA A 95 -7.22 -6.65 -9.26
N TYR A 96 -6.54 -7.31 -10.19
CA TYR A 96 -5.12 -7.02 -10.49
C TYR A 96 -4.85 -6.40 -11.88
N ALA A 97 -4.03 -5.35 -11.92
CA ALA A 97 -3.56 -4.76 -13.18
C ALA A 97 -2.08 -4.36 -13.11
N ARG A 98 -1.37 -4.51 -14.23
CA ARG A 98 0.04 -4.11 -14.34
C ARG A 98 0.19 -2.78 -15.13
N ALA A 99 0.84 -1.79 -14.53
CA ALA A 99 1.04 -0.48 -15.18
C ALA A 99 2.23 -0.48 -16.13
N PHE A 100 2.01 -0.14 -17.39
CA PHE A 100 3.02 -0.20 -18.45
C PHE A 100 4.03 0.98 -18.36
N ASN A 101 3.55 2.14 -17.96
CA ASN A 101 4.38 3.32 -17.75
C ASN A 101 3.62 4.28 -16.86
N SER A 102 4.15 5.48 -16.60
CA SER A 102 3.49 6.36 -15.62
C SER A 102 2.16 6.97 -16.10
N ASN A 103 2.02 7.25 -17.39
CA ASN A 103 0.73 7.73 -17.95
C ASN A 103 -0.41 6.72 -17.88
N HIS A 104 -0.07 5.46 -18.11
CA HIS A 104 -1.03 4.34 -18.00
C HIS A 104 -1.40 4.07 -16.53
N GLN A 105 -0.43 4.23 -15.64
CA GLN A 105 -0.67 4.14 -14.19
C GLN A 105 -1.69 5.19 -13.74
N MET A 106 -1.58 6.40 -14.30
CA MET A 106 -2.55 7.46 -14.01
C MET A 106 -3.96 7.13 -14.52
N LEU A 107 -4.06 6.55 -15.72
CA LEU A 107 -5.37 6.14 -16.26
C LEU A 107 -6.02 4.99 -15.47
N LEU A 108 -5.20 4.05 -14.97
CA LEU A 108 -5.73 2.93 -14.16
C LEU A 108 -6.46 3.38 -12.89
N VAL A 109 -6.00 4.44 -12.24
CA VAL A 109 -6.74 4.97 -11.08
C VAL A 109 -8.13 5.49 -11.48
N GLN A 110 -8.21 6.16 -12.62
CA GLN A 110 -9.52 6.65 -13.10
C GLN A 110 -10.46 5.49 -13.40
N GLN A 111 -9.91 4.42 -13.99
CA GLN A 111 -10.68 3.21 -14.32
C GLN A 111 -11.13 2.46 -13.08
N ALA A 112 -10.29 2.50 -12.04
CA ALA A 112 -10.65 1.87 -10.75
C ALA A 112 -11.99 2.39 -10.24
N GLU A 113 -12.27 3.67 -10.45
CA GLU A 113 -13.49 4.27 -9.90
C GLU A 113 -14.77 3.57 -10.38
N ASP A 114 -14.74 3.00 -11.59
CA ASP A 114 -15.92 2.29 -12.13
C ASP A 114 -16.22 0.98 -11.39
N MET A 115 -15.20 0.20 -11.07
CA MET A 115 -15.40 -1.02 -10.31
CA MET A 115 -15.42 -1.03 -10.31
C MET A 115 -15.80 -0.70 -8.87
N ILE A 116 -15.23 0.36 -8.32
CA ILE A 116 -15.59 0.81 -6.97
C ILE A 116 -17.09 1.14 -6.88
N LYS A 117 -17.62 1.90 -7.84
CA LYS A 117 -19.06 2.18 -7.88
C LYS A 117 -19.90 0.91 -8.02
N GLU A 118 -19.46 -0.01 -8.88
CA GLU A 118 -20.16 -1.27 -9.06
C GLU A 118 -20.35 -2.05 -7.76
N LEU A 119 -19.31 -2.07 -6.90
CA LEU A 119 -19.33 -2.91 -5.68
C LEU A 119 -19.87 -2.20 -4.43
N LEU A 120 -20.13 -0.90 -4.56
CA LEU A 120 -20.40 -0.02 -3.41
C LEU A 120 -21.55 -0.48 -2.51
N ASN A 121 -22.59 -1.09 -3.08
CA ASN A 121 -23.74 -1.46 -2.28
C ASN A 121 -23.92 -2.97 -2.10
N THR A 122 -22.84 -3.72 -2.34
CA THR A 122 -22.83 -5.18 -2.19
C THR A 122 -22.32 -5.58 -0.79
N ASP A 123 -22.26 -6.87 -0.52
CA ASP A 123 -21.71 -7.34 0.76
C ASP A 123 -20.15 -7.38 0.79
N ARG A 124 -19.52 -7.12 -0.35
CA ARG A 124 -18.05 -7.06 -0.41
C ARG A 124 -17.58 -5.82 -1.20
N PRO A 125 -17.81 -4.60 -0.65
CA PRO A 125 -17.38 -3.35 -1.30
C PRO A 125 -15.86 -3.20 -1.31
N VAL A 126 -15.29 -2.41 -2.22
CA VAL A 126 -13.83 -2.18 -2.20
C VAL A 126 -13.44 -1.45 -0.90
N LYS A 127 -12.44 -1.98 -0.18
CA LYS A 127 -11.98 -1.35 1.08
C LYS A 127 -10.46 -1.08 1.07
N LEU A 128 -9.75 -1.60 0.07
CA LEU A 128 -8.29 -1.45 -0.01
C LEU A 128 -7.81 -1.23 -1.46
N LEU A 129 -7.03 -0.17 -1.67
CA LEU A 129 -6.41 0.08 -2.98
C LEU A 129 -4.90 0.19 -2.83
N ILE A 130 -4.17 -0.74 -3.45
CA ILE A 130 -2.68 -0.80 -3.39
C ILE A 130 -1.98 -0.24 -4.66
N VAL A 131 -0.97 0.60 -4.47
CA VAL A 131 -0.05 1.00 -5.56
C VAL A 131 1.39 0.67 -5.17
N ASP A 132 1.97 -0.33 -5.83
CA ASP A 132 3.30 -0.87 -5.55
C ASP A 132 3.96 -1.08 -6.91
N SER A 133 4.93 -0.25 -7.31
CA SER A 133 5.49 0.83 -6.51
C SER A 133 5.01 2.17 -7.09
N LEU A 134 4.79 3.15 -6.24
CA LEU A 134 4.13 4.36 -6.73
C LEU A 134 5.07 5.26 -7.53
N THR A 135 6.35 5.29 -7.15
CA THR A 135 7.31 6.23 -7.74
C THR A 135 8.23 5.69 -8.87
N SER A 136 8.30 4.37 -9.04
CA SER A 136 9.31 3.80 -9.93
C SER A 136 9.29 4.28 -11.40
N HIS A 137 8.10 4.38 -12.01
CA HIS A 137 7.96 4.83 -13.42
C HIS A 137 8.31 6.31 -13.55
N PHE A 138 7.84 7.12 -12.58
CA PHE A 138 8.14 8.57 -12.59
C PHE A 138 9.64 8.87 -12.49
N ARG A 139 10.36 8.09 -11.70
CA ARG A 139 11.80 8.25 -11.48
C ARG A 139 12.59 7.94 -12.75
N SER A 140 12.31 6.80 -13.38
CA SER A 140 13.04 6.42 -14.59
C SER A 140 12.69 7.24 -15.85
N GLU A 141 11.49 7.82 -15.89
CA GLU A 141 11.05 8.58 -17.06
C GLU A 141 11.49 10.06 -17.06
N TYR A 142 11.69 10.64 -15.88
CA TYR A 142 12.04 12.07 -15.77
C TYR A 142 13.42 12.30 -15.14
N ILE A 143 14.45 12.28 -15.98
CA ILE A 143 15.83 12.36 -15.49
C ILE A 143 16.50 13.73 -15.68
N GLY A 144 17.09 14.25 -14.61
CA GLY A 144 17.74 15.54 -14.65
C GLY A 144 17.02 16.58 -13.81
N ARG A 145 17.65 17.76 -13.65
CA ARG A 145 17.05 18.86 -12.91
C ARG A 145 16.10 19.68 -13.78
N GLY A 146 16.31 19.65 -15.09
CA GLY A 146 15.46 20.37 -16.02
C GLY A 146 14.08 19.74 -16.11
N ALA A 147 14.02 18.45 -15.82
CA ALA A 147 12.77 17.68 -15.94
C ALA A 147 12.03 17.49 -14.62
N LEU A 148 12.60 17.99 -13.52
CA LEU A 148 12.03 17.81 -12.18
C LEU A 148 10.66 18.46 -11.98
N ALA A 149 10.48 19.68 -12.49
CA ALA A 149 9.20 20.39 -12.36
C ALA A 149 8.03 19.68 -13.02
N GLU A 150 8.27 19.09 -14.19
CA GLU A 150 7.26 18.27 -14.87
C GLU A 150 6.94 16.98 -14.11
N ARG A 151 7.97 16.35 -13.56
CA ARG A 151 7.77 15.15 -12.77
CA ARG A 151 7.77 15.15 -12.78
C ARG A 151 6.93 15.45 -11.54
N GLN A 152 7.16 16.61 -10.92
CA GLN A 152 6.46 16.98 -9.69
C GLN A 152 4.99 17.34 -9.97
N GLN A 153 4.75 17.97 -11.13
CA GLN A 153 3.39 18.29 -11.59
C GLN A 153 2.53 17.04 -11.75
N LYS A 154 3.09 16.02 -12.41
CA LYS A 154 2.38 14.78 -12.65
C LYS A 154 2.14 13.97 -11.38
N LEU A 155 3.16 13.91 -10.51
CA LEU A 155 3.02 13.24 -9.21
C LEU A 155 1.94 13.88 -8.35
N ALA A 156 1.90 15.20 -8.34
CA ALA A 156 0.92 15.93 -7.51
C ALA A 156 -0.52 15.65 -7.90
N LYS A 157 -0.77 15.53 -9.20
CA LYS A 157 -2.11 15.24 -9.71
C LYS A 157 -2.53 13.80 -9.40
N HIS A 158 -1.62 12.85 -9.58
CA HIS A 158 -1.83 11.44 -9.24
C HIS A 158 -2.19 11.27 -7.75
N LEU A 159 -1.43 11.91 -6.86
CA LEU A 159 -1.74 11.85 -5.42
C LEU A 159 -3.12 12.45 -5.07
N ALA A 160 -3.48 13.56 -5.70
CA ALA A 160 -4.80 14.17 -5.51
C ALA A 160 -5.94 13.25 -5.99
N ASP A 161 -5.71 12.52 -7.08
CA ASP A 161 -6.70 11.54 -7.55
C ASP A 161 -6.92 10.48 -6.48
N LEU A 162 -5.83 9.99 -5.89
CA LEU A 162 -5.87 8.93 -4.89
C LEU A 162 -6.53 9.40 -3.58
N HIS A 163 -6.25 10.64 -3.19
CA HIS A 163 -6.88 11.23 -2.01
CA HIS A 163 -6.87 11.22 -2.00
C HIS A 163 -8.38 11.29 -2.18
N ARG A 164 -8.82 11.75 -3.34
CA ARG A 164 -10.25 11.84 -3.66
C ARG A 164 -10.99 10.50 -3.52
N LEU A 165 -10.41 9.42 -4.08
CA LEU A 165 -11.01 8.09 -3.94
C LEU A 165 -11.09 7.62 -2.49
N ALA A 166 -10.00 7.80 -1.73
CA ALA A 166 -9.97 7.41 -0.31
C ALA A 166 -11.12 8.05 0.46
N ASN A 167 -11.31 9.36 0.29
CA ASN A 167 -12.31 10.09 1.08
C ASN A 167 -13.76 9.95 0.60
N LEU A 168 -13.96 9.96 -0.72
CA LEU A 168 -15.30 9.88 -1.30
C LEU A 168 -15.92 8.49 -1.13
N TYR A 169 -15.10 7.44 -1.18
CA TYR A 169 -15.64 6.07 -1.13
C TYR A 169 -15.27 5.20 0.10
N ASP A 170 -14.68 5.81 1.14
CA ASP A 170 -14.34 5.09 2.40
C ASP A 170 -13.40 3.89 2.19
N ILE A 171 -12.23 4.16 1.60
CA ILE A 171 -11.24 3.15 1.20
C ILE A 171 -9.87 3.48 1.79
N ALA A 172 -9.13 2.45 2.20
CA ALA A 172 -7.74 2.61 2.63
C ALA A 172 -6.82 2.55 1.41
N VAL A 173 -6.09 3.63 1.15
CA VAL A 173 -5.06 3.62 0.10
C VAL A 173 -3.67 3.33 0.73
N PHE A 174 -2.96 2.36 0.17
CA PHE A 174 -1.66 1.90 0.69
C PHE A 174 -0.61 1.93 -0.43
N VAL A 175 0.46 2.71 -0.27
CA VAL A 175 1.42 2.88 -1.36
C VAL A 175 2.86 2.64 -0.86
N THR A 176 3.73 2.10 -1.73
CA THR A 176 5.16 1.84 -1.40
C THR A 176 6.10 2.73 -2.21
N ASN A 177 7.27 3.04 -1.63
CA ASN A 177 8.26 3.95 -2.25
C ASN A 177 9.68 3.54 -1.87
N GLN A 178 10.51 3.19 -2.85
CA GLN A 178 11.90 2.80 -2.61
C GLN A 178 12.83 4.01 -2.48
N VAL A 179 13.55 4.10 -1.37
CA VAL A 179 14.41 5.26 -1.10
C VAL A 179 15.76 4.78 -0.54
N GLN A 180 16.84 5.05 -1.27
CA GLN A 180 18.16 4.67 -0.79
C GLN A 180 19.27 5.68 -1.16
N ALA A 181 20.51 5.36 -0.82
N ALA A 181 20.50 5.37 -0.75
CA ALA A 181 21.62 6.26 -1.09
CA ALA A 181 21.63 6.30 -0.74
C ALA A 181 21.73 6.59 -2.59
C ALA A 181 21.52 7.53 -1.66
N ASN A 182 21.56 5.60 -3.46
N ASN A 182 21.53 8.72 -1.04
CA ASN A 182 21.73 5.80 -4.89
CA ASN A 182 21.46 9.99 -1.74
C ASN A 182 20.45 6.16 -5.67
C ASN A 182 20.07 10.36 -2.29
N GLY A 183 19.46 6.71 -4.99
N GLY A 183 19.15 9.41 -2.26
CA GLY A 183 18.24 7.17 -5.65
CA GLY A 183 17.82 9.61 -2.84
C GLY A 183 16.95 6.91 -4.91
C GLY A 183 16.81 10.23 -1.89
N GLY A 184 16.00 7.82 -5.03
N GLY A 184 15.76 10.83 -2.45
CA GLY A 184 14.71 7.65 -4.40
CA GLY A 184 14.66 11.30 -1.63
C GLY A 184 14.29 8.84 -3.57
C GLY A 184 14.26 12.76 -1.67
N HIS A 185 13.02 9.21 -3.66
N HIS A 185 12.97 12.97 -1.92
CA HIS A 185 12.53 10.42 -3.01
CA HIS A 185 12.26 14.21 -1.67
C HIS A 185 11.21 10.20 -2.28
C HIS A 185 11.03 13.65 -0.97
N ILE A 186 11.19 10.62 -1.01
N ILE A 186 11.19 12.37 -0.58
CA ILE A 186 9.96 10.64 -0.23
CA ILE A 186 10.11 11.38 -0.54
C ILE A 186 9.01 11.72 -0.79
C ILE A 186 8.73 11.86 -0.15
N LEU A 187 7.73 11.34 -0.86
CA LEU A 187 6.58 12.15 -1.32
C LEU A 187 6.21 13.40 -0.51
N ALA A 188 7.22 14.09 0.02
CA ALA A 188 7.04 15.18 1.01
C ALA A 188 5.85 14.99 1.96
N HIS A 189 4.93 15.96 1.94
CA HIS A 189 3.86 16.06 2.94
C HIS A 189 2.52 15.57 2.39
N SER A 190 2.54 14.81 1.30
N SER A 190 2.58 14.88 1.26
CA SER A 190 1.30 14.49 0.56
CA SER A 190 1.45 14.13 0.73
C SER A 190 0.40 13.39 1.19
C SER A 190 1.48 12.81 1.47
N ALA A 191 0.99 12.27 1.59
N ALA A 191 0.42 12.02 1.32
CA ALA A 191 0.23 11.17 2.19
CA ALA A 191 0.19 10.88 2.20
C ALA A 191 -0.42 11.60 3.52
C ALA A 191 -0.30 11.44 3.53
N THR A 192 -1.33 10.81 4.07
CA THR A 192 -1.86 11.18 5.40
C THR A 192 -0.90 10.70 6.50
N LEU A 193 -0.11 9.67 6.22
CA LEU A 193 0.75 9.09 7.24
C LEU A 193 1.95 8.39 6.64
N ARG A 194 3.13 8.73 7.12
CA ARG A 194 4.41 8.19 6.61
C ARG A 194 5.03 7.20 7.59
N VAL A 195 5.38 6.00 7.08
CA VAL A 195 5.99 4.94 7.88
C VAL A 195 7.36 4.53 7.30
N TYR A 196 8.43 4.68 8.09
CA TYR A 196 9.80 4.29 7.71
C TYR A 196 10.10 2.81 8.06
N LEU A 197 10.47 1.99 7.06
CA LEU A 197 10.73 0.57 7.29
CA LEU A 197 10.73 0.56 7.26
C LEU A 197 12.21 0.20 7.03
N ARG A 198 12.80 -0.58 7.93
CA ARG A 198 14.19 -1.05 7.78
C ARG A 198 14.43 -2.47 8.31
N LYS A 199 15.46 -3.12 7.78
CA LYS A 199 15.87 -4.46 8.23
C LYS A 199 16.83 -4.36 9.43
N GLY A 200 16.62 -5.20 10.45
CA GLY A 200 17.48 -5.22 11.62
C GLY A 200 18.18 -6.57 11.82
N LYS A 201 18.90 -6.71 12.92
CA LYS A 201 19.68 -7.92 13.20
C LYS A 201 18.82 -9.18 13.30
N GLY A 202 19.29 -10.26 12.68
CA GLY A 202 18.55 -11.52 12.65
C GLY A 202 17.30 -11.48 11.78
N GLY A 203 17.24 -10.56 10.82
CA GLY A 203 16.13 -10.48 9.90
C GLY A 203 14.83 -9.94 10.49
N LYS A 204 14.90 -9.31 11.66
CA LYS A 204 13.76 -8.55 12.19
C LYS A 204 13.52 -7.31 11.33
N ARG A 205 12.25 -6.91 11.19
CA ARG A 205 11.91 -5.66 10.53
C ARG A 205 11.42 -4.63 11.56
N ILE A 206 11.83 -3.37 11.38
CA ILE A 206 11.59 -2.31 12.36
C ILE A 206 10.86 -1.13 11.69
N ALA A 207 9.72 -0.71 12.25
CA ALA A 207 8.95 0.43 11.69
C ALA A 207 8.88 1.63 12.65
N ARG A 208 8.95 2.85 12.11
CA ARG A 208 8.85 4.09 12.89
C ARG A 208 7.98 5.14 12.17
N LEU A 209 7.14 5.87 12.90
CA LEU A 209 6.33 6.93 12.31
C LEU A 209 7.15 8.22 12.06
N ILE A 210 7.14 8.71 10.82
CA ILE A 210 7.88 9.93 10.45
C ILE A 210 7.00 11.19 10.53
N ASP A 211 7.39 12.09 11.45
CA ASP A 211 6.58 13.23 11.86
CA ASP A 211 6.55 13.23 11.82
C ASP A 211 5.39 12.75 12.67
N GLY A 218 8.09 5.64 19.93
CA GLY A 218 8.60 4.29 19.96
C GLY A 218 8.67 3.64 18.58
N GLU A 219 9.02 2.35 18.55
CA GLU A 219 9.18 1.60 17.30
C GLU A 219 8.56 0.22 17.42
N ALA A 220 7.97 -0.27 16.32
CA ALA A 220 7.39 -1.62 16.28
C ALA A 220 8.41 -2.58 15.66
N VAL A 221 8.33 -3.86 16.02
CA VAL A 221 9.29 -4.85 15.55
C VAL A 221 8.54 -6.15 15.18
N PHE A 222 8.84 -6.75 14.02
CA PHE A 222 8.08 -7.95 13.60
C PHE A 222 8.89 -8.86 12.67
N SER A 223 8.32 -10.03 12.35
CA SER A 223 8.95 -10.99 11.43
C SER A 223 8.12 -11.25 10.16
N ILE A 224 8.79 -11.71 9.10
CA ILE A 224 8.12 -12.15 7.87
C ILE A 224 8.01 -13.68 7.95
N THR A 225 6.77 -14.19 7.96
CA THR A 225 6.54 -15.64 8.14
C THR A 225 5.49 -16.24 7.18
N GLU A 226 5.10 -17.49 7.42
CA GLU A 226 4.05 -18.10 6.59
C GLU A 226 2.69 -17.42 6.78
N LYS A 227 2.57 -16.62 7.85
CA LYS A 227 1.34 -15.86 8.09
C LYS A 227 1.38 -14.45 7.48
N GLY A 228 2.39 -14.17 6.65
CA GLY A 228 2.58 -12.83 6.12
C GLY A 228 3.58 -12.09 7.01
N ILE A 229 3.08 -11.24 7.91
CA ILE A 229 3.93 -10.75 9.01
C ILE A 229 3.27 -11.06 10.35
N GLU A 230 4.08 -11.22 11.40
CA GLU A 230 3.58 -11.42 12.77
C GLU A 230 4.64 -10.99 13.78
N ASP A 231 4.25 -10.80 15.04
CA ASP A 231 5.19 -10.36 16.09
C ASP A 231 6.26 -11.41 16.31
#